data_2WHX
#
_entry.id   2WHX
#
_cell.length_a   52.420
_cell.length_b   87.720
_cell.length_c   75.779
_cell.angle_alpha   90.00
_cell.angle_beta   92.90
_cell.angle_gamma   90.00
#
_symmetry.space_group_name_H-M   'P 1 21 1'
#
loop_
_entity.id
_entity.type
_entity.pdbx_description
1 polymer 'SERINE PROTEASE/NTPASE/HELICASE NS3'
2 polymer 'SERINE PROTEASE SUBUNIT NS2B'
3 non-polymer "ADENOSINE-5'-DIPHOSPHATE"
4 non-polymer 'MANGANESE (II) ION'
5 non-polymer 'CHLORIDE ION'
6 water water
#
loop_
_entity_poly.entity_id
_entity_poly.type
_entity_poly.pdbx_seq_one_letter_code
_entity_poly.pdbx_strand_id
1 'polypeptide(L)'
;SGALWDVPSPAAAQKATLTEGVYRIMQRGLFGKTQVGVGIHMEGVFHTMWHVTRGSVICHESGRLEPSWADVRNDMISYG
GGWRLGDKWDKEEDVQVLAIEPGKNPKHVQTKPGLFKTLTGEIGAVTLDFKPGTSGSPIINKKGKVIGLYGNGVVTKSGD
YVSAITQAERIGEPDYEVDEDIFRKKRLTIMDLHPGAGKTKRILPSIVREALKRRLRTLILAPTRVVAAEMEEALRGLPI
RYQTPAVKSDHTGREIVDLMCHATFTTRLLSSTRVPNYNLIVMDEAHFTDPCSVAARGYISTRVEMGEAAAIFMTATPPG
STDPFPQSNSPIEDIEREIPERSWNTGFDWITDYQGKTVWFVPSIKAGNDIANCLRKSGKRVIQLSRKTFDTEYPKTKLT
DWDFVVTTDISEMGANFRAGRVIDPRRCLKPVILTDGPERVILAGPIPVTPASAAQRRGRIGRNPAQEDDQYVFSGDPLK
NDEDHAHWTEAKMLLDNIYTPEGIIPTLFGPEREKTQAIDGEFRLRGEQRKTFVELMRRGDLPVWLSYKVASAGISYKDR
EWCFTGERNNQILEENMEVEIWTREGEKKKLRPKWLDARVYADPMALKDFKEFASGRK
;
A
2 'polypeptide(L)' ADLSLEKAANVQWD C
#
# COMPACT_ATOMS: atom_id res chain seq x y z
N GLY A 21 -7.47 -23.92 21.06
CA GLY A 21 -7.00 -23.17 22.26
C GLY A 21 -5.69 -23.69 22.82
N VAL A 22 -5.78 -24.54 23.83
CA VAL A 22 -4.61 -25.07 24.52
C VAL A 22 -4.27 -26.50 24.05
N TYR A 23 -3.03 -26.68 23.60
CA TYR A 23 -2.61 -27.95 23.02
C TYR A 23 -1.43 -28.59 23.76
N ARG A 24 -1.50 -29.91 23.91
CA ARG A 24 -0.38 -30.71 24.41
C ARG A 24 0.62 -30.93 23.28
N ILE A 25 1.90 -30.66 23.54
CA ILE A 25 2.94 -30.99 22.57
C ILE A 25 3.64 -32.29 22.93
N MET A 26 3.50 -33.27 22.04
CA MET A 26 3.96 -34.62 22.26
C MET A 26 5.24 -34.90 21.47
N GLN A 27 6.05 -35.83 21.97
CA GLN A 27 7.22 -36.31 21.25
C GLN A 27 7.09 -37.80 20.94
N ARG A 28 7.17 -38.13 19.65
CA ARG A 28 7.04 -39.50 19.18
C ARG A 28 8.32 -40.30 19.45
N GLY A 29 8.16 -41.45 20.11
CA GLY A 29 9.26 -42.39 20.27
C GLY A 29 9.20 -43.43 19.16
N LEU A 30 9.84 -44.58 19.37
CA LEU A 30 9.78 -45.70 18.43
C LEU A 30 8.36 -46.24 18.29
N PHE A 31 7.66 -46.33 19.43
CA PHE A 31 6.28 -46.84 19.46
C PHE A 31 5.43 -46.19 20.56
N GLY A 32 6.03 -45.27 21.31
CA GLY A 32 5.32 -44.54 22.36
C GLY A 32 5.15 -43.06 22.05
N LYS A 33 4.69 -42.30 23.04
CA LYS A 33 4.49 -40.85 22.93
C LYS A 33 4.45 -40.20 24.30
N THR A 34 5.23 -39.13 24.47
CA THR A 34 5.32 -38.42 25.75
C THR A 34 5.12 -36.91 25.59
N GLN A 35 4.49 -36.28 26.58
CA GLN A 35 4.29 -34.83 26.60
C GLN A 35 5.56 -34.13 27.06
N VAL A 36 6.04 -33.20 26.25
CA VAL A 36 7.26 -32.43 26.57
C VAL A 36 6.97 -30.96 26.92
N GLY A 37 5.69 -30.58 26.85
CA GLY A 37 5.26 -29.23 27.19
C GLY A 37 3.86 -28.91 26.72
N VAL A 38 3.54 -27.61 26.72
CA VAL A 38 2.19 -27.13 26.35
C VAL A 38 2.30 -25.86 25.48
N GLY A 39 1.36 -25.71 24.55
CA GLY A 39 1.30 -24.53 23.68
C GLY A 39 -0.11 -24.00 23.45
N ILE A 40 -0.21 -22.79 22.89
CA ILE A 40 -1.50 -22.08 22.73
C ILE A 40 -1.72 -21.56 21.31
N HIS A 41 -2.86 -21.91 20.73
CA HIS A 41 -3.30 -21.40 19.42
C HIS A 41 -4.26 -20.23 19.63
N MET A 42 -4.52 -19.44 18.58
CA MET A 42 -5.30 -18.20 18.75
C MET A 42 -6.51 -17.86 17.84
N GLU A 43 -6.36 -17.80 16.50
CA GLU A 43 -5.14 -18.08 15.76
C GLU A 43 -4.61 -16.79 15.09
N GLY A 44 -3.72 -16.88 14.10
CA GLY A 44 -3.19 -18.14 13.58
C GLY A 44 -1.78 -18.42 14.04
N VAL A 45 -1.52 -18.20 15.32
CA VAL A 45 -0.17 -18.36 15.87
C VAL A 45 -0.15 -19.32 17.07
N PHE A 46 0.76 -20.29 17.01
CA PHE A 46 0.96 -21.25 18.10
C PHE A 46 2.09 -20.77 19.00
N HIS A 47 1.78 -20.62 20.29
CA HIS A 47 2.72 -20.05 21.26
C HIS A 47 3.14 -21.07 22.29
N THR A 48 4.45 -21.21 22.50
CA THR A 48 5.02 -22.04 23.55
C THR A 48 6.38 -21.47 23.97
N MET A 49 7.11 -22.21 24.80
CA MET A 49 8.42 -21.76 25.27
C MET A 49 9.53 -22.47 24.49
N TRP A 50 10.63 -21.76 24.26
CA TRP A 50 11.72 -22.24 23.38
C TRP A 50 12.24 -23.65 23.72
N HIS A 51 12.53 -23.89 25.01
CA HIS A 51 13.17 -25.13 25.44
C HIS A 51 12.31 -26.38 25.23
N VAL A 52 11.02 -26.17 24.98
CA VAL A 52 10.08 -27.26 24.74
C VAL A 52 10.28 -27.87 23.35
N THR A 53 10.46 -27.01 22.34
CA THR A 53 10.52 -27.44 20.94
C THR A 53 11.91 -27.33 20.33
N ARG A 54 12.71 -26.38 20.82
CA ARG A 54 14.02 -26.04 20.26
C ARG A 54 14.00 -25.70 18.77
N GLY A 55 12.90 -25.10 18.33
CA GLY A 55 12.73 -24.66 16.94
C GLY A 55 12.33 -25.74 15.94
N SER A 56 11.88 -26.89 16.45
CA SER A 56 11.46 -28.01 15.60
C SER A 56 10.03 -27.82 15.09
N VAL A 57 9.70 -28.51 13.99
CA VAL A 57 8.37 -28.45 13.40
C VAL A 57 7.36 -29.34 14.14
N ILE A 58 6.16 -28.81 14.34
CA ILE A 58 5.05 -29.58 14.92
C ILE A 58 3.88 -29.66 13.94
N CYS A 59 3.12 -30.74 13.98
CA CYS A 59 2.01 -30.92 13.03
C CYS A 59 0.80 -31.67 13.58
N HIS A 60 -0.39 -31.14 13.27
CA HIS A 60 -1.65 -31.81 13.54
C HIS A 60 -2.13 -32.57 12.30
N GLU A 61 -1.63 -32.15 11.13
CA GLU A 61 -1.93 -32.76 9.83
C GLU A 61 -3.42 -32.98 9.58
N ARG A 64 1.91 -29.02 9.05
CA ARG A 64 3.21 -28.59 9.55
C ARG A 64 3.20 -27.13 9.99
N LEU A 65 3.82 -26.86 11.14
CA LEU A 65 3.94 -25.51 11.68
C LEU A 65 5.40 -25.10 11.80
N GLU A 66 5.77 -24.05 11.06
CA GLU A 66 7.16 -23.58 11.00
C GLU A 66 7.42 -22.41 11.94
N PRO A 67 8.54 -22.44 12.69
CA PRO A 67 8.90 -21.36 13.60
C PRO A 67 9.21 -20.05 12.86
N SER A 68 8.53 -18.98 13.25
CA SER A 68 8.67 -17.69 12.58
C SER A 68 9.16 -16.56 13.50
N TRP A 69 9.13 -16.81 14.81
CA TRP A 69 9.60 -15.84 15.80
C TRP A 69 10.04 -16.56 17.07
N ALA A 70 11.17 -16.15 17.63
CA ALA A 70 11.75 -16.79 18.81
C ALA A 70 12.55 -15.83 19.69
N ASP A 71 12.61 -16.15 20.98
CA ASP A 71 13.49 -15.47 21.93
C ASP A 71 14.13 -16.54 22.82
N VAL A 72 15.46 -16.69 22.70
CA VAL A 72 16.18 -17.76 23.40
C VAL A 72 16.51 -17.37 24.86
N ARG A 73 16.79 -16.08 25.08
CA ARG A 73 17.18 -15.58 26.41
C ARG A 73 16.00 -15.58 27.39
N ASN A 74 14.82 -15.20 26.90
CA ASN A 74 13.62 -15.15 27.72
C ASN A 74 12.76 -16.42 27.58
N ASP A 75 13.22 -17.33 26.72
CA ASP A 75 12.58 -18.65 26.49
C ASP A 75 11.14 -18.57 25.96
N MET A 76 10.99 -18.03 24.75
CA MET A 76 9.69 -17.93 24.08
C MET A 76 9.83 -18.18 22.57
N ILE A 77 8.81 -18.82 21.97
CA ILE A 77 8.78 -19.11 20.54
C ILE A 77 7.34 -19.15 20.00
N SER A 78 7.16 -18.76 18.74
CA SER A 78 5.84 -18.77 18.12
C SER A 78 5.83 -19.32 16.68
N TYR A 79 4.71 -19.95 16.31
CA TYR A 79 4.58 -20.64 15.03
C TYR A 79 3.42 -20.11 14.20
N GLY A 80 3.71 -19.79 12.93
CA GLY A 80 2.67 -19.33 12.00
C GLY A 80 2.59 -17.82 11.86
N GLY A 81 3.29 -17.10 12.73
CA GLY A 81 3.30 -15.64 12.71
C GLY A 81 3.85 -15.04 14.00
N GLY A 82 3.65 -13.73 14.15
CA GLY A 82 4.13 -13.00 15.33
C GLY A 82 3.35 -13.29 16.60
N TRP A 83 3.92 -12.88 17.73
CA TRP A 83 3.33 -13.08 19.06
C TRP A 83 1.97 -12.40 19.18
N ARG A 84 0.91 -13.22 19.14
CA ARG A 84 -0.47 -12.74 19.16
C ARG A 84 -0.98 -12.28 20.52
N LEU A 85 -0.58 -12.98 21.59
CA LEU A 85 -1.06 -12.69 22.94
C LEU A 85 -0.30 -11.54 23.61
N GLY A 86 -0.84 -10.33 23.47
CA GLY A 86 -0.20 -9.12 23.97
C GLY A 86 -0.74 -8.62 25.30
N ASP A 87 -1.56 -9.44 25.95
CA ASP A 87 -2.13 -9.09 27.26
C ASP A 87 -1.13 -9.31 28.38
N LYS A 88 -1.23 -8.48 29.42
CA LYS A 88 -0.32 -8.58 30.57
C LYS A 88 -1.05 -8.53 31.91
N TRP A 89 -0.38 -9.01 32.95
CA TRP A 89 -0.92 -9.00 34.31
C TRP A 89 -0.90 -7.59 34.88
N ASP A 90 -2.04 -7.14 35.39
CA ASP A 90 -2.18 -5.76 35.88
C ASP A 90 -1.50 -5.48 37.23
N LYS A 91 -0.69 -6.44 37.69
CA LYS A 91 0.13 -6.32 38.91
C LYS A 91 -0.63 -6.51 40.23
N GLU A 92 -1.96 -6.56 40.16
CA GLU A 92 -2.79 -6.58 41.37
C GLU A 92 -3.67 -7.82 41.54
N GLU A 93 -4.37 -8.22 40.48
CA GLU A 93 -5.44 -9.20 40.60
C GLU A 93 -4.99 -10.66 40.55
N ASP A 94 -5.96 -11.56 40.72
CA ASP A 94 -5.74 -13.00 40.64
C ASP A 94 -5.63 -13.44 39.19
N VAL A 95 -5.00 -14.60 38.99
CA VAL A 95 -4.87 -15.23 37.68
C VAL A 95 -5.20 -16.72 37.79
N GLN A 96 -5.47 -17.36 36.65
CA GLN A 96 -5.66 -18.80 36.65
C GLN A 96 -4.69 -19.50 35.72
N VAL A 97 -3.85 -20.35 36.30
CA VAL A 97 -2.96 -21.19 35.50
C VAL A 97 -3.79 -22.37 35.02
N LEU A 98 -4.00 -22.42 33.71
CA LEU A 98 -4.69 -23.55 33.08
C LEU A 98 -3.66 -24.66 32.84
N ALA A 99 -3.31 -25.34 33.92
CA ALA A 99 -2.24 -26.33 33.90
C ALA A 99 -2.64 -27.59 33.14
N ILE A 100 -1.88 -27.88 32.09
CA ILE A 100 -2.08 -29.09 31.31
C ILE A 100 -0.96 -30.07 31.66
N GLU A 101 -1.18 -30.83 32.73
CA GLU A 101 -0.22 -31.81 33.19
C GLU A 101 -0.37 -33.09 32.37
N PRO A 102 0.77 -33.71 32.00
CA PRO A 102 0.74 -34.95 31.22
C PRO A 102 0.03 -36.08 31.95
N GLY A 103 -0.80 -36.83 31.22
CA GLY A 103 -1.58 -37.94 31.77
C GLY A 103 -2.58 -37.52 32.84
N LYS A 104 -2.90 -36.23 32.84
CA LYS A 104 -3.83 -35.64 33.81
C LYS A 104 -4.82 -34.73 33.09
N ASN A 105 -6.00 -34.58 33.68
CA ASN A 105 -7.02 -33.67 33.15
C ASN A 105 -6.63 -32.20 33.32
N PRO A 106 -7.02 -31.35 32.34
CA PRO A 106 -6.81 -29.91 32.46
C PRO A 106 -7.42 -29.36 33.75
N LYS A 107 -6.59 -28.67 34.54
CA LYS A 107 -7.03 -28.13 35.82
C LYS A 107 -6.73 -26.62 35.91
N HIS A 108 -7.79 -25.85 36.17
CA HIS A 108 -7.65 -24.42 36.41
C HIS A 108 -7.29 -24.21 37.87
N VAL A 109 -6.19 -23.49 38.10
CA VAL A 109 -5.79 -23.16 39.47
C VAL A 109 -5.56 -21.65 39.63
N GLN A 110 -6.41 -21.04 40.47
CA GLN A 110 -6.35 -19.61 40.76
C GLN A 110 -5.33 -19.33 41.85
N THR A 111 -4.58 -18.23 41.68
CA THR A 111 -3.55 -17.83 42.62
C THR A 111 -3.31 -16.31 42.52
N LYS A 112 -2.50 -15.78 43.43
CA LYS A 112 -2.10 -14.38 43.36
C LYS A 112 -0.58 -14.28 43.14
N PRO A 113 -0.16 -13.74 41.99
CA PRO A 113 1.25 -13.57 41.71
C PRO A 113 1.87 -12.44 42.54
N GLY A 114 3.20 -12.45 42.65
CA GLY A 114 3.93 -11.39 43.34
C GLY A 114 5.05 -10.82 42.48
N LEU A 115 5.63 -9.71 42.94
CA LEU A 115 6.72 -9.03 42.24
C LEU A 115 8.06 -9.28 42.92
N PHE A 116 9.08 -9.62 42.13
CA PHE A 116 10.41 -9.94 42.64
C PHE A 116 11.50 -9.24 41.82
N GLU A 122 12.35 -6.47 38.08
CA GLU A 122 10.92 -6.73 38.21
C GLU A 122 10.47 -7.86 37.31
N ILE A 123 9.86 -8.89 37.91
CA ILE A 123 9.31 -10.02 37.18
C ILE A 123 8.08 -10.56 37.90
N GLY A 124 7.00 -10.75 37.14
CA GLY A 124 5.79 -11.38 37.66
C GLY A 124 5.98 -12.87 37.77
N ALA A 125 5.59 -13.44 38.92
CA ALA A 125 5.80 -14.87 39.17
C ALA A 125 4.70 -15.48 40.01
N VAL A 126 4.35 -16.74 39.70
CA VAL A 126 3.40 -17.51 40.49
C VAL A 126 4.13 -18.41 41.49
N THR A 127 3.44 -18.77 42.57
CA THR A 127 4.00 -19.64 43.61
C THR A 127 3.53 -21.09 43.49
N LEU A 128 2.97 -21.44 42.34
CA LEU A 128 2.49 -22.80 42.08
C LEU A 128 3.55 -23.68 41.41
N ASP A 129 3.57 -24.95 41.78
CA ASP A 129 4.49 -25.93 41.19
C ASP A 129 3.74 -27.10 40.53
N PHE A 130 3.97 -27.26 39.22
CA PHE A 130 3.43 -28.39 38.47
C PHE A 130 4.57 -29.25 37.93
N LYS A 131 4.29 -30.54 37.73
CA LYS A 131 5.32 -31.51 37.40
C LYS A 131 5.78 -31.39 35.94
N PRO A 132 7.00 -31.89 35.62
CA PRO A 132 7.56 -31.88 34.26
C PRO A 132 6.57 -32.22 33.15
N GLY A 133 6.62 -31.46 32.06
CA GLY A 133 5.72 -31.64 30.92
C GLY A 133 4.59 -30.62 30.84
N THR A 134 4.48 -29.78 31.87
CA THR A 134 3.43 -28.77 31.97
C THR A 134 3.92 -27.39 31.53
N SER A 135 5.22 -27.30 31.24
CA SER A 135 5.86 -26.04 30.81
C SER A 135 5.24 -25.47 29.52
N GLY A 136 4.76 -24.24 29.61
CA GLY A 136 4.07 -23.58 28.50
C GLY A 136 2.57 -23.50 28.70
N SER A 137 2.12 -23.88 29.90
CA SER A 137 0.72 -23.79 30.27
C SER A 137 0.29 -22.32 30.39
N PRO A 138 -0.89 -21.98 29.83
CA PRO A 138 -1.41 -20.62 29.85
C PRO A 138 -1.84 -20.13 31.23
N ILE A 139 -1.46 -18.89 31.54
CA ILE A 139 -1.95 -18.20 32.73
C ILE A 139 -3.01 -17.19 32.28
N ILE A 140 -4.24 -17.42 32.72
CA ILE A 140 -5.42 -16.72 32.20
C ILE A 140 -5.75 -15.45 32.99
N ASN A 141 -6.13 -14.41 32.24
CA ASN A 141 -6.58 -13.12 32.77
C ASN A 141 -7.98 -13.21 33.37
N LYS A 142 -8.39 -12.14 34.05
CA LYS A 142 -9.69 -12.06 34.71
C LYS A 142 -10.60 -10.97 34.08
N LYS A 143 -11.35 -11.29 33.03
CA LYS A 143 -11.41 -12.61 32.38
C LYS A 143 -11.77 -12.43 30.91
N GLY A 144 -11.09 -13.15 30.01
CA GLY A 144 -10.04 -14.10 30.37
C GLY A 144 -9.12 -14.43 29.21
N LYS A 145 -8.18 -13.53 28.93
CA LYS A 145 -7.14 -13.75 27.92
C LYS A 145 -5.91 -14.36 28.59
N VAL A 146 -4.95 -14.85 27.80
CA VAL A 146 -3.70 -15.37 28.37
C VAL A 146 -2.70 -14.23 28.57
N ILE A 147 -2.17 -14.12 29.79
CA ILE A 147 -1.25 -13.02 30.15
C ILE A 147 0.20 -13.49 30.29
N GLY A 148 0.43 -14.79 30.17
CA GLY A 148 1.76 -15.36 30.28
C GLY A 148 1.74 -16.87 30.33
N LEU A 149 2.93 -17.46 30.28
CA LEU A 149 3.08 -18.92 30.25
C LEU A 149 3.75 -19.41 31.52
N TYR A 150 3.21 -20.49 32.08
CA TYR A 150 3.79 -21.15 33.25
C TYR A 150 5.07 -21.90 32.86
N GLY A 151 6.04 -21.89 33.76
CA GLY A 151 7.32 -22.56 33.54
C GLY A 151 8.49 -21.66 33.87
N ASN A 152 9.68 -22.27 34.01
CA ASN A 152 10.92 -21.57 34.38
C ASN A 152 10.85 -20.92 35.75
N VAL A 162 10.90 -19.21 42.76
CA VAL A 162 9.55 -19.03 42.24
C VAL A 162 9.44 -19.35 40.74
N SER A 163 8.25 -19.77 40.33
CA SER A 163 7.94 -20.00 38.92
C SER A 163 7.54 -18.70 38.23
N ALA A 164 8.27 -18.34 37.17
CA ALA A 164 8.07 -17.08 36.47
C ALA A 164 6.88 -17.08 35.51
N ILE A 165 6.23 -15.92 35.39
CA ILE A 165 5.25 -15.68 34.33
C ILE A 165 6.03 -15.12 33.13
N THR A 166 6.23 -15.95 32.11
CA THR A 166 6.97 -15.52 30.93
C THR A 166 6.02 -14.97 29.88
N GLN A 167 6.23 -13.70 29.51
CA GLN A 167 5.40 -13.02 28.52
C GLN A 167 6.22 -12.02 27.71
N ALA A 168 6.02 -12.04 26.39
CA ALA A 168 6.71 -11.11 25.48
C ALA A 168 6.12 -9.72 25.55
N GLU A 169 6.97 -8.72 25.36
CA GLU A 169 6.58 -7.31 25.39
C GLU A 169 6.36 -6.77 23.97
N ARG A 170 6.51 -7.65 22.98
CA ARG A 170 6.51 -7.25 21.57
C ARG A 170 5.16 -7.43 20.87
N ILE A 171 5.07 -6.86 19.66
CA ILE A 171 3.85 -6.91 18.86
C ILE A 171 3.87 -8.07 17.87
N GLY A 172 4.85 -8.08 16.97
CA GLY A 172 4.94 -9.10 15.92
C GLY A 172 6.09 -10.06 16.11
N GLU A 173 7.00 -10.13 15.13
CA GLU A 173 6.93 -9.27 13.93
C GLU A 173 6.25 -9.90 12.71
N PRO A 174 6.47 -11.21 12.44
CA PRO A 174 7.27 -12.24 13.12
C PRO A 174 8.79 -12.04 12.97
N ASP A 175 9.36 -12.47 11.85
CA ASP A 175 10.77 -12.25 11.54
C ASP A 175 10.97 -12.44 10.04
N TYR A 176 11.65 -11.48 9.41
CA TYR A 176 11.88 -11.58 7.98
C TYR A 176 13.29 -12.06 7.63
N GLU A 177 13.45 -13.39 7.62
CA GLU A 177 14.59 -14.04 7.00
C GLU A 177 14.50 -13.80 5.50
N VAL A 178 15.36 -12.94 4.99
CA VAL A 178 15.33 -12.55 3.58
C VAL A 178 15.73 -13.70 2.66
N ASP A 179 14.78 -14.13 1.83
CA ASP A 179 15.03 -15.20 0.85
C ASP A 179 15.93 -14.67 -0.25
N GLU A 180 17.13 -15.26 -0.34
CA GLU A 180 18.19 -14.80 -1.24
C GLU A 180 17.89 -15.06 -2.72
N ASP A 181 16.88 -15.88 -3.00
CA ASP A 181 16.46 -16.16 -4.37
C ASP A 181 15.67 -15.01 -5.00
N ILE A 182 15.30 -14.02 -4.19
CA ILE A 182 14.64 -12.81 -4.70
C ILE A 182 15.65 -11.87 -5.39
N PHE A 183 16.94 -12.14 -5.21
CA PHE A 183 18.03 -11.34 -5.80
C PHE A 183 18.60 -11.92 -7.09
N ARG A 184 18.10 -13.09 -7.51
CA ARG A 184 18.57 -13.71 -8.74
C ARG A 184 18.07 -12.92 -9.94
N LYS A 185 18.96 -12.71 -10.92
CA LYS A 185 18.57 -12.08 -12.17
C LYS A 185 17.56 -12.95 -12.91
N LYS A 186 16.61 -12.29 -13.58
CA LYS A 186 15.51 -12.94 -14.28
C LYS A 186 14.44 -13.48 -13.32
N ARG A 187 14.44 -12.98 -12.09
CA ARG A 187 13.40 -13.32 -11.12
C ARG A 187 12.59 -12.08 -10.72
N LEU A 188 11.28 -12.21 -10.77
CA LEU A 188 10.39 -11.15 -10.29
C LEU A 188 9.56 -11.72 -9.15
N THR A 189 9.62 -11.06 -8.00
CA THR A 189 8.85 -11.48 -6.84
C THR A 189 7.75 -10.46 -6.54
N ILE A 190 6.54 -10.96 -6.32
CA ILE A 190 5.46 -10.15 -5.82
C ILE A 190 5.37 -10.39 -4.32
N MET A 191 5.69 -9.36 -3.56
CA MET A 191 5.64 -9.40 -2.11
C MET A 191 4.23 -8.93 -1.71
N ASP A 192 3.32 -9.88 -1.52
CA ASP A 192 1.90 -9.54 -1.35
C ASP A 192 1.31 -9.75 0.04
N LEU A 193 2.14 -9.66 1.07
CA LEU A 193 1.67 -9.63 2.45
C LEU A 193 0.60 -8.56 2.63
N HIS A 194 -0.45 -8.88 3.39
CA HIS A 194 -1.61 -8.01 3.63
C HIS A 194 -1.25 -6.56 3.99
N PRO A 195 -2.21 -5.61 3.83
CA PRO A 195 -1.94 -4.22 4.23
C PRO A 195 -1.56 -4.14 5.70
N GLY A 196 -0.50 -3.39 6.00
CA GLY A 196 -0.02 -3.24 7.38
C GLY A 196 0.97 -4.30 7.85
N ALA A 197 1.22 -5.29 7.04
CA ALA A 197 2.07 -6.38 7.39
C ALA A 197 3.46 -5.91 7.67
N GLY A 198 3.91 -4.91 6.93
CA GLY A 198 5.13 -4.23 7.22
C GLY A 198 6.06 -4.14 6.05
N LYS A 199 5.51 -4.21 4.86
CA LYS A 199 6.28 -4.31 3.65
C LYS A 199 7.23 -3.17 3.43
N THR A 200 6.72 -1.99 3.54
CA THR A 200 7.42 -0.72 3.41
C THR A 200 8.38 -0.45 4.57
N LYS A 201 7.87 -0.55 5.80
CA LYS A 201 8.58 -0.09 6.98
C LYS A 201 9.57 -1.10 7.55
N ARG A 202 9.36 -2.38 7.26
CA ARG A 202 10.11 -3.43 7.93
C ARG A 202 10.85 -4.35 6.95
N ILE A 203 10.16 -4.79 5.90
CA ILE A 203 10.74 -5.71 4.93
C ILE A 203 11.65 -4.99 3.94
N LEU A 204 11.20 -3.83 3.46
CA LEU A 204 11.98 -3.05 2.50
C LEU A 204 13.36 -2.64 3.03
N PRO A 205 13.45 -2.06 4.25
CA PRO A 205 14.78 -1.75 4.75
C PRO A 205 15.68 -2.97 4.82
N SER A 206 15.13 -4.08 5.32
CA SER A 206 15.84 -5.35 5.44
C SER A 206 16.46 -5.77 4.10
N ILE A 207 15.65 -5.72 3.05
CA ILE A 207 16.06 -6.06 1.69
C ILE A 207 17.18 -5.14 1.19
N VAL A 208 17.03 -3.84 1.43
CA VAL A 208 18.03 -2.85 1.02
C VAL A 208 19.35 -3.07 1.74
N ARG A 209 19.25 -3.31 3.05
CA ARG A 209 20.42 -3.67 3.85
C ARG A 209 21.11 -4.93 3.29
N GLU A 210 20.30 -5.89 2.86
CA GLU A 210 20.82 -7.15 2.34
C GLU A 210 21.43 -6.98 0.95
N ALA A 211 20.77 -6.18 0.11
CA ALA A 211 21.21 -5.91 -1.25
C ALA A 211 22.50 -5.11 -1.27
N LEU A 212 22.69 -4.27 -0.25
CA LEU A 212 23.91 -3.50 -0.09
C LEU A 212 25.10 -4.38 0.31
N LYS A 213 24.81 -5.46 1.04
CA LYS A 213 25.82 -6.45 1.41
C LYS A 213 26.27 -7.25 0.18
N ARG A 214 25.33 -7.48 -0.73
CA ARG A 214 25.59 -8.22 -1.97
C ARG A 214 26.20 -7.33 -3.06
N ARG A 215 26.33 -6.03 -2.75
CA ARG A 215 26.87 -5.01 -3.66
C ARG A 215 26.05 -4.89 -4.95
N LEU A 216 24.74 -4.96 -4.81
CA LEU A 216 23.81 -4.81 -5.93
C LEU A 216 23.49 -3.34 -6.17
N ARG A 217 23.33 -2.98 -7.43
CA ARG A 217 22.93 -1.63 -7.83
C ARG A 217 21.42 -1.50 -7.65
N THR A 218 21.00 -0.87 -6.56
CA THR A 218 19.59 -0.91 -6.16
C THR A 218 18.78 0.35 -6.48
N LEU A 219 17.58 0.15 -6.98
CA LEU A 219 16.60 1.22 -7.16
C LEU A 219 15.34 0.94 -6.36
N ILE A 220 14.95 1.90 -5.53
CA ILE A 220 13.66 1.85 -4.81
C ILE A 220 12.68 2.87 -5.40
N LEU A 221 11.47 2.39 -5.71
CA LEU A 221 10.43 3.25 -6.28
C LEU A 221 9.26 3.46 -5.31
N ALA A 222 8.97 4.73 -5.04
CA ALA A 222 7.88 5.16 -4.18
C ALA A 222 6.80 5.80 -5.02
N PRO A 223 5.53 5.69 -4.59
CA PRO A 223 4.41 6.22 -5.39
C PRO A 223 4.38 7.73 -5.50
N THR A 224 4.67 8.43 -4.40
CA THR A 224 4.68 9.90 -4.34
C THR A 224 5.92 10.39 -3.58
N ARG A 225 6.21 11.69 -3.70
CA ARG A 225 7.37 12.29 -3.05
C ARG A 225 7.28 12.22 -1.52
N VAL A 226 6.12 12.54 -0.98
CA VAL A 226 5.93 12.53 0.49
C VAL A 226 6.11 11.12 1.06
N VAL A 227 5.63 10.14 0.31
CA VAL A 227 5.82 8.74 0.68
C VAL A 227 7.31 8.37 0.60
N ALA A 228 7.98 8.81 -0.45
CA ALA A 228 9.44 8.67 -0.56
C ALA A 228 10.14 9.31 0.62
N ALA A 229 9.71 10.53 0.97
CA ALA A 229 10.24 11.27 2.11
C ALA A 229 10.09 10.49 3.42
N GLU A 230 8.95 9.83 3.58
CA GLU A 230 8.74 8.92 4.72
C GLU A 230 9.72 7.76 4.68
N MET A 231 9.86 7.12 3.51
CA MET A 231 10.81 6.03 3.32
C MET A 231 12.25 6.44 3.65
N GLU A 232 12.63 7.67 3.29
CA GLU A 232 13.95 8.22 3.57
C GLU A 232 14.33 8.19 5.06
N GLU A 233 13.34 8.44 5.93
CA GLU A 233 13.56 8.45 7.37
C GLU A 233 13.68 7.03 7.92
N ALA A 234 12.87 6.12 7.39
CA ALA A 234 12.85 4.72 7.83
C ALA A 234 14.08 3.92 7.36
N LEU A 235 14.81 4.48 6.39
CA LEU A 235 16.06 3.88 5.91
C LEU A 235 17.27 4.63 6.47
N ARG A 236 17.18 5.01 7.74
CA ARG A 236 18.19 5.82 8.41
C ARG A 236 19.51 5.06 8.58
N GLY A 237 20.62 5.71 8.26
CA GLY A 237 21.94 5.10 8.35
C GLY A 237 22.43 4.58 7.01
N LEU A 238 21.48 4.16 6.18
CA LEU A 238 21.75 3.63 4.84
C LEU A 238 22.16 4.75 3.88
N PRO A 239 22.88 4.41 2.79
CA PRO A 239 23.27 5.40 1.79
C PRO A 239 22.23 5.56 0.67
N ILE A 240 21.05 6.05 1.02
CA ILE A 240 19.99 6.28 0.03
C ILE A 240 20.03 7.70 -0.52
N ARG A 241 19.76 7.83 -1.82
CA ARG A 241 19.82 9.12 -2.50
C ARG A 241 18.51 9.38 -3.22
N TYR A 242 17.80 10.43 -2.81
CA TYR A 242 16.54 10.77 -3.48
C TYR A 242 16.83 11.42 -4.84
N GLN A 243 16.11 10.98 -5.85
CA GLN A 243 16.29 11.43 -7.21
C GLN A 243 15.06 12.18 -7.73
N THR A 244 15.27 13.41 -8.19
CA THR A 244 14.19 14.28 -8.67
C THR A 244 14.01 14.13 -10.19
N PRO A 245 12.78 14.37 -10.70
CA PRO A 245 12.55 14.35 -12.14
C PRO A 245 13.22 15.51 -12.93
N ALA A 246 13.76 16.51 -12.24
CA ALA A 246 14.45 17.62 -12.89
C ALA A 246 15.85 17.22 -13.41
N VAL A 247 16.33 16.09 -12.92
CA VAL A 247 17.59 15.51 -13.36
C VAL A 247 17.30 14.23 -14.17
N LYS A 248 17.94 14.10 -15.34
CA LYS A 248 17.67 12.99 -16.24
C LYS A 248 18.42 11.72 -15.85
N SER A 249 19.63 11.86 -15.32
CA SER A 249 20.36 10.76 -14.69
C SER A 249 21.39 11.30 -13.70
N ASP A 250 21.83 10.46 -12.76
CA ASP A 250 22.73 10.90 -11.69
C ASP A 250 23.55 9.72 -11.18
N HIS A 251 24.76 9.59 -11.72
CA HIS A 251 25.67 8.49 -11.40
C HIS A 251 26.82 9.01 -10.55
N THR A 252 26.98 8.43 -9.36
CA THR A 252 28.06 8.85 -8.45
C THR A 252 29.27 7.94 -8.50
N GLY A 253 29.05 6.67 -8.84
CA GLY A 253 30.12 5.67 -8.82
C GLY A 253 30.36 5.10 -7.44
N ARG A 254 29.52 5.50 -6.49
CA ARG A 254 29.62 5.07 -5.09
C ARG A 254 28.54 4.03 -4.81
N GLU A 255 28.76 3.23 -3.77
CA GLU A 255 27.77 2.25 -3.34
C GLU A 255 26.60 2.99 -2.72
N ILE A 256 25.56 3.20 -3.53
CA ILE A 256 24.45 4.08 -3.20
C ILE A 256 23.13 3.53 -3.74
N VAL A 257 22.07 3.67 -2.94
CA VAL A 257 20.73 3.26 -3.36
C VAL A 257 19.94 4.48 -3.84
N ASP A 258 19.42 4.39 -5.06
CA ASP A 258 18.55 5.43 -5.60
C ASP A 258 17.10 5.26 -5.14
N LEU A 259 16.52 6.35 -4.64
CA LEU A 259 15.12 6.40 -4.29
C LEU A 259 14.44 7.45 -5.16
N MET A 260 13.32 7.10 -5.77
CA MET A 260 12.58 8.02 -6.63
C MET A 260 11.12 7.62 -6.77
N CYS A 261 10.31 8.53 -7.29
CA CYS A 261 8.89 8.26 -7.55
C CYS A 261 8.76 7.31 -8.72
N HIS A 262 7.66 6.55 -8.78
CA HIS A 262 7.40 5.70 -9.96
C HIS A 262 7.58 6.56 -11.21
N ALA A 263 6.95 7.74 -11.20
CA ALA A 263 6.91 8.62 -12.38
C ALA A 263 8.27 9.21 -12.78
N THR A 264 9.14 9.38 -11.80
CA THR A 264 10.48 9.92 -12.05
C THR A 264 11.30 8.92 -12.85
N PHE A 265 11.19 7.64 -12.50
CA PHE A 265 11.83 6.55 -13.22
C PHE A 265 11.41 6.53 -14.70
N THR A 266 10.10 6.57 -14.95
CA THR A 266 9.55 6.56 -16.31
C THR A 266 10.03 7.77 -17.12
N THR A 267 10.03 8.95 -16.49
CA THR A 267 10.44 10.19 -17.14
C THR A 267 11.92 10.16 -17.55
N ARG A 268 12.76 9.65 -16.67
CA ARG A 268 14.17 9.46 -16.97
C ARG A 268 14.41 8.48 -18.12
N LEU A 269 13.54 7.48 -18.25
CA LEU A 269 13.64 6.48 -19.31
C LEU A 269 13.30 7.08 -20.67
N LEU A 270 12.35 8.01 -20.68
CA LEU A 270 11.96 8.71 -21.90
C LEU A 270 12.94 9.81 -22.32
N SER A 271 13.75 10.31 -21.39
CA SER A 271 14.57 11.50 -21.65
C SER A 271 16.08 11.31 -21.53
N SER A 272 16.52 10.39 -20.68
CA SER A 272 17.95 10.19 -20.47
C SER A 272 18.63 9.51 -21.64
N THR A 273 19.88 9.89 -21.85
CA THR A 273 20.73 9.26 -22.83
C THR A 273 21.53 8.10 -22.21
N ARG A 274 21.28 7.83 -20.93
CA ARG A 274 21.98 6.79 -20.19
C ARG A 274 21.06 5.66 -19.79
N VAL A 275 21.44 4.43 -20.13
CA VAL A 275 20.75 3.26 -19.62
C VAL A 275 21.05 3.07 -18.12
N PRO A 276 20.01 2.87 -17.31
CA PRO A 276 20.18 2.74 -15.87
C PRO A 276 20.30 1.27 -15.45
N ASN A 277 21.52 0.75 -15.40
CA ASN A 277 21.71 -0.67 -15.14
C ASN A 277 21.65 -1.07 -13.67
N TYR A 278 20.48 -0.88 -13.06
CA TYR A 278 20.19 -1.45 -11.74
C TYR A 278 19.94 -2.93 -11.90
N ASN A 279 20.54 -3.76 -11.05
CA ASN A 279 20.23 -5.19 -11.08
C ASN A 279 19.22 -5.65 -10.01
N LEU A 280 18.72 -4.68 -9.23
CA LEU A 280 17.61 -4.89 -8.30
C LEU A 280 16.71 -3.66 -8.27
N ILE A 281 15.44 -3.85 -8.57
CA ILE A 281 14.48 -2.77 -8.55
C ILE A 281 13.34 -3.17 -7.62
N VAL A 282 13.13 -2.37 -6.59
CA VAL A 282 12.01 -2.57 -5.68
C VAL A 282 10.99 -1.48 -5.95
N MET A 283 9.81 -1.88 -6.43
CA MET A 283 8.69 -0.93 -6.56
C MET A 283 7.72 -1.13 -5.41
N ASP A 284 7.60 -0.11 -4.57
CA ASP A 284 6.67 -0.14 -3.44
C ASP A 284 5.31 0.43 -3.85
N GLU A 285 4.24 -0.02 -3.21
CA GLU A 285 2.87 0.32 -3.60
C GLU A 285 2.69 0.09 -5.10
N ALA A 286 2.99 -1.12 -5.54
CA ALA A 286 2.96 -1.49 -6.96
C ALA A 286 1.55 -1.71 -7.55
N HIS A 287 0.52 -1.41 -6.79
CA HIS A 287 -0.87 -1.42 -7.29
C HIS A 287 -1.21 -0.12 -8.03
N PHE A 288 -0.40 0.93 -7.84
CA PHE A 288 -0.63 2.22 -8.49
C PHE A 288 -0.94 2.01 -9.97
N THR A 289 -2.08 2.53 -10.42
CA THR A 289 -2.53 2.36 -11.82
C THR A 289 -2.43 3.64 -12.64
N ASP A 290 -1.75 4.66 -12.11
CA ASP A 290 -1.43 5.80 -12.94
C ASP A 290 -0.46 5.33 -14.05
N PRO A 291 -0.64 5.83 -15.28
CA PRO A 291 0.09 5.40 -16.48
C PRO A 291 1.60 5.26 -16.29
N CYS A 292 2.19 6.21 -15.59
CA CYS A 292 3.63 6.16 -15.31
C CYS A 292 4.04 4.95 -14.46
N SER A 293 3.18 4.54 -13.53
CA SER A 293 3.47 3.36 -12.70
C SER A 293 3.29 2.08 -13.48
N VAL A 294 2.24 2.05 -14.30
CA VAL A 294 1.96 0.93 -15.19
C VAL A 294 3.10 0.73 -16.18
N ALA A 295 3.55 1.83 -16.80
CA ALA A 295 4.65 1.77 -17.75
C ALA A 295 5.94 1.31 -17.06
N ALA A 296 6.15 1.76 -15.82
CA ALA A 296 7.33 1.37 -15.04
C ALA A 296 7.38 -0.13 -14.78
N ARG A 297 6.24 -0.71 -14.40
CA ARG A 297 6.13 -2.15 -14.18
C ARG A 297 6.48 -2.93 -15.44
N GLY A 298 5.98 -2.47 -16.59
CA GLY A 298 6.29 -3.08 -17.86
C GLY A 298 7.76 -3.05 -18.22
N TYR A 299 8.40 -1.90 -17.99
CA TYR A 299 9.82 -1.75 -18.24
C TYR A 299 10.65 -2.63 -17.30
N ILE A 300 10.32 -2.60 -16.03
CA ILE A 300 11.01 -3.42 -15.02
C ILE A 300 10.86 -4.91 -15.38
N SER A 301 9.67 -5.27 -15.87
CA SER A 301 9.38 -6.63 -16.27
C SER A 301 10.20 -7.05 -17.49
N THR A 302 10.35 -6.13 -18.45
CA THR A 302 11.18 -6.35 -19.63
C THR A 302 12.64 -6.52 -19.22
N ARG A 303 13.08 -5.69 -18.28
CA ARG A 303 14.42 -5.77 -17.72
C ARG A 303 14.68 -7.10 -17.01
N VAL A 304 13.68 -7.61 -16.30
CA VAL A 304 13.79 -8.92 -15.69
C VAL A 304 13.91 -10.00 -16.78
N GLU A 305 13.04 -9.91 -17.79
CA GLU A 305 13.01 -10.89 -18.88
C GLU A 305 14.32 -10.95 -19.67
N MET A 306 14.94 -9.78 -19.89
CA MET A 306 16.22 -9.73 -20.60
C MET A 306 17.34 -10.42 -19.81
N GLY A 307 17.18 -10.46 -18.49
CA GLY A 307 18.13 -11.13 -17.61
C GLY A 307 19.04 -10.17 -16.86
N GLU A 308 18.75 -8.87 -16.98
CA GLU A 308 19.62 -7.82 -16.43
C GLU A 308 19.30 -7.42 -14.98
N ALA A 309 18.16 -7.86 -14.46
CA ALA A 309 17.73 -7.45 -13.12
C ALA A 309 16.87 -8.47 -12.40
N ALA A 310 16.88 -8.36 -11.07
CA ALA A 310 15.85 -8.94 -10.22
C ALA A 310 14.86 -7.82 -9.88
N ALA A 311 13.60 -8.16 -9.69
CA ALA A 311 12.58 -7.16 -9.41
C ALA A 311 11.64 -7.61 -8.31
N ILE A 312 11.22 -6.66 -7.48
CA ILE A 312 10.28 -6.94 -6.41
C ILE A 312 9.14 -5.92 -6.44
N PHE A 313 7.91 -6.40 -6.60
CA PHE A 313 6.72 -5.55 -6.52
C PHE A 313 6.06 -5.76 -5.17
N MET A 314 6.00 -4.69 -4.39
CA MET A 314 5.38 -4.76 -3.07
C MET A 314 3.96 -4.23 -3.11
N THR A 315 3.00 -5.12 -2.92
CA THR A 315 1.60 -4.73 -2.80
C THR A 315 0.75 -5.91 -2.35
N ALA A 316 -0.10 -5.66 -1.37
CA ALA A 316 -1.11 -6.61 -0.95
C ALA A 316 -2.15 -6.86 -2.04
N THR A 317 -2.28 -5.91 -2.98
CA THR A 317 -3.25 -6.03 -4.06
C THR A 317 -2.61 -5.95 -5.45
N PRO A 318 -1.92 -7.03 -5.87
CA PRO A 318 -1.33 -7.05 -7.21
C PRO A 318 -2.42 -7.14 -8.28
N PRO A 319 -2.06 -6.86 -9.55
CA PRO A 319 -3.00 -6.99 -10.66
C PRO A 319 -3.81 -8.29 -10.59
N GLY A 320 -5.13 -8.16 -10.69
CA GLY A 320 -6.02 -9.32 -10.64
C GLY A 320 -6.65 -9.60 -9.28
N SER A 321 -6.37 -8.73 -8.31
CA SER A 321 -6.93 -8.85 -6.96
C SER A 321 -8.45 -8.86 -6.97
N THR A 322 -9.04 -9.79 -6.23
CA THR A 322 -10.50 -9.90 -6.18
C THR A 322 -11.06 -9.61 -4.80
N ASP A 323 -10.24 -9.79 -3.76
CA ASP A 323 -10.71 -9.74 -2.37
C ASP A 323 -10.73 -8.30 -1.82
N PRO A 324 -11.94 -7.75 -1.60
CA PRO A 324 -12.05 -6.40 -1.05
C PRO A 324 -11.85 -6.34 0.47
N PHE A 325 -11.86 -7.49 1.15
CA PHE A 325 -11.79 -7.54 2.61
C PHE A 325 -10.61 -8.35 3.14
N PRO A 326 -9.37 -7.94 2.80
CA PRO A 326 -8.20 -8.73 3.23
C PRO A 326 -7.89 -8.65 4.73
N GLN A 327 -6.94 -9.49 5.17
CA GLN A 327 -6.45 -9.50 6.55
C GLN A 327 -5.90 -8.14 6.98
N SER A 328 -6.08 -7.82 8.26
CA SER A 328 -5.57 -6.58 8.85
C SER A 328 -4.88 -6.89 10.17
N ASN A 329 -4.07 -5.94 10.67
CA ASN A 329 -3.36 -6.12 11.95
C ASN A 329 -4.32 -6.17 13.14
N SER A 330 -5.40 -5.39 13.02
CA SER A 330 -6.46 -5.33 14.03
C SER A 330 -7.80 -5.61 13.36
N PRO A 331 -8.80 -6.07 14.13
CA PRO A 331 -10.13 -6.32 13.56
C PRO A 331 -10.74 -5.05 12.99
N ILE A 332 -11.40 -5.20 11.84
CA ILE A 332 -12.12 -4.10 11.21
C ILE A 332 -13.60 -4.39 11.29
N GLU A 333 -14.39 -3.37 11.58
CA GLU A 333 -15.83 -3.49 11.49
C GLU A 333 -16.27 -2.98 10.13
N ASP A 334 -16.70 -3.90 9.28
CA ASP A 334 -17.16 -3.60 7.93
C ASP A 334 -18.64 -3.26 7.93
N ILE A 335 -18.95 -1.98 7.81
CA ILE A 335 -20.32 -1.49 7.94
C ILE A 335 -20.85 -1.00 6.59
N GLU A 336 -21.92 -1.64 6.13
CA GLU A 336 -22.53 -1.31 4.85
C GLU A 336 -23.75 -0.42 5.06
N ARG A 337 -23.73 0.76 4.47
CA ARG A 337 -24.89 1.67 4.54
C ARG A 337 -24.76 2.82 3.55
N GLU A 338 -25.89 3.50 3.30
CA GLU A 338 -25.92 4.62 2.36
C GLU A 338 -24.98 5.74 2.79
N ILE A 339 -24.21 6.25 1.82
CA ILE A 339 -23.25 7.31 2.03
C ILE A 339 -23.60 8.46 1.08
N PRO A 340 -23.60 9.72 1.59
CA PRO A 340 -23.96 10.85 0.74
C PRO A 340 -22.98 11.07 -0.42
N GLU A 341 -23.52 11.52 -1.55
CA GLU A 341 -22.73 11.83 -2.74
C GLU A 341 -22.38 13.30 -2.78
N ARG A 342 -23.16 14.11 -2.08
CA ARG A 342 -22.95 15.56 -2.01
C ARG A 342 -23.46 16.05 -0.66
N SER A 343 -23.57 17.36 -0.49
CA SER A 343 -24.14 17.97 0.72
C SER A 343 -25.46 17.30 1.15
N TRP A 344 -25.59 17.08 2.45
CA TRP A 344 -26.80 16.47 3.02
C TRP A 344 -27.35 17.37 4.14
N ASN A 345 -28.66 17.29 4.36
CA ASN A 345 -29.33 18.12 5.36
C ASN A 345 -29.85 17.36 6.58
N THR A 346 -29.98 16.04 6.45
CA THR A 346 -30.52 15.13 7.47
C THR A 346 -30.19 13.69 7.11
N GLY A 347 -30.42 12.77 8.06
CA GLY A 347 -30.40 11.32 7.80
C GLY A 347 -29.05 10.64 7.77
N PHE A 348 -28.00 11.37 8.13
CA PHE A 348 -26.65 10.81 8.20
C PHE A 348 -25.96 11.31 9.48
N ASP A 349 -26.69 11.32 10.58
CA ASP A 349 -26.18 11.77 11.86
C ASP A 349 -24.95 10.97 12.28
N TRP A 350 -24.92 9.70 11.87
CA TRP A 350 -23.80 8.79 12.14
C TRP A 350 -22.46 9.32 11.61
N ILE A 351 -22.50 10.19 10.61
CA ILE A 351 -21.28 10.74 10.03
C ILE A 351 -20.62 11.71 11.00
N THR A 352 -21.40 12.66 11.49
CA THR A 352 -20.88 13.73 12.32
C THR A 352 -20.90 13.41 13.82
N ASP A 353 -21.69 12.43 14.22
CA ASP A 353 -21.74 12.00 15.63
C ASP A 353 -20.52 11.19 16.04
N TYR A 354 -19.86 10.58 15.05
CA TYR A 354 -18.66 9.78 15.26
C TYR A 354 -17.55 10.60 15.93
N GLN A 355 -16.91 10.02 16.94
CA GLN A 355 -16.04 10.76 17.85
C GLN A 355 -14.53 10.65 17.55
N GLY A 356 -14.17 9.91 16.51
CA GLY A 356 -12.77 9.81 16.09
C GLY A 356 -12.50 10.51 14.77
N LYS A 357 -11.40 10.15 14.13
CA LYS A 357 -11.01 10.72 12.84
C LYS A 357 -11.44 9.82 11.69
N THR A 358 -11.86 10.44 10.59
CA THR A 358 -12.35 9.73 9.41
C THR A 358 -11.58 10.11 8.14
N VAL A 359 -11.27 9.09 7.35
CA VAL A 359 -10.76 9.24 5.99
C VAL A 359 -11.90 8.91 5.05
N TRP A 360 -12.27 9.87 4.20
CA TRP A 360 -13.42 9.70 3.31
C TRP A 360 -12.97 9.78 1.86
N PHE A 361 -13.14 8.68 1.13
CA PHE A 361 -12.72 8.58 -0.27
C PHE A 361 -13.81 9.06 -1.23
N VAL A 362 -13.49 10.09 -2.00
CA VAL A 362 -14.44 10.65 -2.96
C VAL A 362 -14.02 10.29 -4.39
N PRO A 363 -15.00 10.28 -5.33
CA PRO A 363 -14.70 9.97 -6.74
C PRO A 363 -13.93 11.07 -7.47
N SER A 364 -14.03 12.31 -7.00
CA SER A 364 -13.44 13.46 -7.68
C SER A 364 -13.17 14.61 -6.73
N ILE A 365 -12.36 15.56 -7.18
CA ILE A 365 -12.08 16.78 -6.43
C ILE A 365 -13.36 17.57 -6.18
N LYS A 366 -14.19 17.72 -7.22
CA LYS A 366 -15.48 18.40 -7.12
C LYS A 366 -16.42 17.75 -6.11
N ALA A 367 -16.50 16.43 -6.13
CA ALA A 367 -17.30 15.71 -5.14
C ALA A 367 -16.71 15.93 -3.74
N GLY A 368 -15.38 15.94 -3.66
CA GLY A 368 -14.67 16.26 -2.42
C GLY A 368 -14.96 17.67 -1.92
N ASN A 369 -15.07 18.62 -2.85
CA ASN A 369 -15.39 20.02 -2.50
C ASN A 369 -16.76 20.13 -1.87
N ASP A 370 -17.71 19.34 -2.38
CA ASP A 370 -19.08 19.33 -1.88
C ASP A 370 -19.15 18.70 -0.50
N ILE A 371 -18.45 17.59 -0.33
CA ILE A 371 -18.48 16.88 0.93
C ILE A 371 -17.78 17.70 2.02
N ALA A 372 -16.59 18.22 1.70
CA ALA A 372 -15.81 19.07 2.61
C ALA A 372 -16.58 20.30 3.06
N ASN A 373 -17.24 20.97 2.13
CA ASN A 373 -18.08 22.15 2.43
C ASN A 373 -19.20 21.81 3.39
N CYS A 374 -19.82 20.65 3.20
CA CYS A 374 -20.91 20.20 4.07
C CYS A 374 -20.41 19.90 5.48
N LEU A 375 -19.27 19.22 5.59
CA LEU A 375 -18.66 18.90 6.89
C LEU A 375 -18.26 20.15 7.68
N ARG A 376 -17.67 21.14 7.01
CA ARG A 376 -17.25 22.39 7.63
C ARG A 376 -18.43 23.22 8.13
N LYS A 377 -19.58 23.06 7.49
CA LYS A 377 -20.83 23.69 7.91
C LYS A 377 -21.27 23.19 9.30
N SER A 378 -20.92 21.96 9.62
CA SER A 378 -21.17 21.41 10.96
C SER A 378 -19.99 21.67 11.91
N GLY A 379 -19.08 22.56 11.50
CA GLY A 379 -17.90 22.87 12.30
C GLY A 379 -16.82 21.79 12.35
N LYS A 380 -16.78 20.92 11.34
CA LYS A 380 -15.74 19.89 11.25
C LYS A 380 -14.50 20.40 10.54
N ARG A 381 -13.34 20.02 11.08
CA ARG A 381 -12.04 20.39 10.51
C ARG A 381 -11.61 19.40 9.44
N VAL A 382 -11.60 19.84 8.18
CA VAL A 382 -11.27 18.93 7.08
C VAL A 382 -10.04 19.28 6.24
N ILE A 383 -9.27 18.25 5.93
CA ILE A 383 -8.14 18.37 5.02
C ILE A 383 -8.48 17.65 3.73
N GLN A 384 -8.26 18.31 2.60
CA GLN A 384 -8.57 17.73 1.30
C GLN A 384 -7.31 17.28 0.58
N LEU A 385 -7.36 16.08 0.04
CA LEU A 385 -6.22 15.49 -0.66
C LEU A 385 -6.57 15.15 -2.11
N SER A 386 -5.64 15.47 -3.00
CA SER A 386 -5.71 15.08 -4.39
C SER A 386 -4.27 14.95 -4.87
N ARG A 387 -4.09 14.41 -6.08
CA ARG A 387 -2.76 14.22 -6.65
C ARG A 387 -1.91 15.48 -6.63
N LYS A 388 -2.48 16.58 -7.13
CA LYS A 388 -1.74 17.83 -7.30
C LYS A 388 -1.53 18.61 -6.00
N THR A 389 -2.34 18.32 -4.99
CA THR A 389 -2.22 19.00 -3.70
C THR A 389 -1.64 18.10 -2.62
N PHE A 390 -1.36 16.85 -2.97
CA PHE A 390 -0.94 15.85 -2.00
C PHE A 390 0.33 16.28 -1.26
N ASP A 391 1.29 16.80 -2.02
CA ASP A 391 2.61 17.17 -1.49
C ASP A 391 2.56 18.24 -0.41
N THR A 392 1.66 19.21 -0.57
CA THR A 392 1.50 20.27 0.43
C THR A 392 0.53 19.85 1.54
N GLU A 393 -0.57 19.20 1.16
CA GLU A 393 -1.64 18.91 2.11
C GLU A 393 -1.41 17.71 3.03
N TYR A 394 -0.88 16.61 2.49
CA TYR A 394 -0.66 15.38 3.27
C TYR A 394 0.24 15.56 4.52
N PRO A 395 1.32 16.37 4.41
CA PRO A 395 2.09 16.65 5.63
C PRO A 395 1.24 17.22 6.78
N LYS A 396 0.23 18.00 6.45
CA LYS A 396 -0.63 18.63 7.44
C LYS A 396 -1.50 17.63 8.22
N THR A 397 -1.76 16.46 7.63
CA THR A 397 -2.51 15.41 8.32
C THR A 397 -1.72 14.80 9.48
N LYS A 398 -0.45 15.20 9.61
CA LYS A 398 0.40 14.76 10.70
C LYS A 398 0.65 15.85 11.76
N LEU A 399 1.01 17.05 11.32
CA LEU A 399 1.40 18.14 12.25
C LEU A 399 0.33 19.22 12.49
N THR A 400 -0.91 18.93 12.10
CA THR A 400 -2.05 19.72 12.54
C THR A 400 -3.08 18.75 13.07
N ASP A 401 -4.17 19.25 13.64
CA ASP A 401 -5.26 18.35 13.99
C ASP A 401 -6.55 18.59 13.22
N TRP A 402 -7.21 17.49 12.90
CA TRP A 402 -8.30 17.44 11.93
C TRP A 402 -9.34 16.43 12.37
N ASP A 403 -10.50 16.45 11.72
CA ASP A 403 -11.57 15.49 12.00
C ASP A 403 -11.81 14.57 10.81
N PHE A 404 -11.67 15.14 9.61
CA PHE A 404 -11.89 14.41 8.37
C PHE A 404 -10.80 14.71 7.37
N VAL A 405 -10.28 13.67 6.73
CA VAL A 405 -9.57 13.86 5.47
C VAL A 405 -10.46 13.39 4.32
N VAL A 406 -10.71 14.28 3.38
CA VAL A 406 -11.52 14.00 2.20
C VAL A 406 -10.56 13.87 1.01
N THR A 407 -10.43 12.66 0.48
CA THR A 407 -9.37 12.34 -0.48
C THR A 407 -9.85 11.62 -1.74
N THR A 408 -9.09 11.77 -2.82
CA THR A 408 -9.29 10.96 -4.02
C THR A 408 -8.52 9.65 -3.81
N ASP A 409 -8.58 8.78 -4.81
CA ASP A 409 -7.91 7.48 -4.76
C ASP A 409 -6.41 7.54 -4.43
N ILE A 410 -5.79 8.71 -4.60
CA ILE A 410 -4.34 8.86 -4.38
C ILE A 410 -3.88 8.36 -3.01
N SER A 411 -4.79 8.39 -2.04
CA SER A 411 -4.48 7.91 -0.68
C SER A 411 -4.43 6.38 -0.54
N GLU A 412 -4.78 5.66 -1.61
CA GLU A 412 -4.62 4.21 -1.65
C GLU A 412 -3.16 3.77 -1.74
N MET A 413 -2.29 4.70 -2.16
CA MET A 413 -0.87 4.41 -2.39
C MET A 413 0.04 4.73 -1.20
N GLY A 414 -0.08 3.97 -0.12
CA GLY A 414 0.82 4.11 1.03
C GLY A 414 0.61 5.32 1.92
N ALA A 415 -0.52 6.02 1.76
CA ALA A 415 -0.83 7.16 2.63
C ALA A 415 -1.27 6.65 3.99
N ASN A 416 -0.52 7.02 5.03
CA ASN A 416 -0.80 6.59 6.39
C ASN A 416 -1.59 7.63 7.19
N PHE A 417 -2.69 7.21 7.81
CA PHE A 417 -3.48 8.10 8.66
C PHE A 417 -3.72 7.51 10.04
N ARG A 418 -3.58 8.34 11.06
CA ARG A 418 -3.89 7.94 12.42
C ARG A 418 -5.38 8.17 12.64
N ALA A 419 -6.19 7.31 12.02
CA ALA A 419 -7.65 7.45 11.96
C ALA A 419 -8.36 6.17 12.36
N GLY A 420 -9.62 6.29 12.76
CA GLY A 420 -10.40 5.14 13.20
C GLY A 420 -11.47 4.70 12.23
N ARG A 421 -11.77 5.54 11.23
CA ARG A 421 -12.84 5.21 10.29
C ARG A 421 -12.53 5.58 8.85
N VAL A 422 -12.85 4.67 7.93
CA VAL A 422 -12.88 4.99 6.51
C VAL A 422 -14.33 5.06 6.03
N ILE A 423 -14.68 6.14 5.36
CA ILE A 423 -15.96 6.20 4.65
C ILE A 423 -15.66 5.95 3.19
N ASP A 424 -16.21 4.88 2.63
CA ASP A 424 -15.90 4.51 1.25
C ASP A 424 -17.13 4.18 0.41
N PRO A 425 -17.70 5.18 -0.27
CA PRO A 425 -18.79 4.93 -1.21
C PRO A 425 -18.34 4.13 -2.44
N ARG A 426 -17.05 3.75 -2.46
CA ARG A 426 -16.50 2.85 -3.47
C ARG A 426 -16.81 3.32 -4.90
N ARG A 427 -16.45 4.57 -5.14
CA ARG A 427 -16.81 5.28 -6.35
C ARG A 427 -15.59 6.02 -6.87
N CYS A 428 -15.44 6.07 -8.19
CA CYS A 428 -14.32 6.81 -8.80
C CYS A 428 -14.67 7.29 -10.20
N LEU A 429 -13.91 8.25 -10.69
CA LEU A 429 -13.99 8.64 -12.10
C LEU A 429 -12.98 7.83 -12.90
N LYS A 430 -13.36 7.50 -14.14
CA LYS A 430 -12.50 6.75 -15.03
C LYS A 430 -12.27 7.51 -16.34
N PRO A 431 -11.00 7.87 -16.62
CA PRO A 431 -10.70 8.47 -17.90
C PRO A 431 -10.86 7.44 -19.01
N VAL A 432 -11.55 7.84 -20.07
CA VAL A 432 -11.82 6.96 -21.20
C VAL A 432 -11.53 7.72 -22.49
N ILE A 433 -10.82 7.06 -23.39
CA ILE A 433 -10.60 7.59 -24.73
C ILE A 433 -11.78 7.21 -25.60
N LEU A 434 -12.55 8.22 -26.01
CA LEU A 434 -13.68 8.05 -26.91
C LEU A 434 -13.23 8.12 -28.36
N THR A 435 -13.74 7.17 -29.16
CA THR A 435 -13.43 7.10 -30.58
C THR A 435 -14.70 7.34 -31.41
N ASP A 436 -15.83 7.51 -30.71
CA ASP A 436 -17.09 7.86 -31.35
C ASP A 436 -16.99 9.27 -31.92
N GLY A 437 -16.55 9.34 -33.16
CA GLY A 437 -16.30 10.63 -33.82
C GLY A 437 -14.88 11.12 -33.54
N PRO A 438 -14.74 12.42 -33.25
CA PRO A 438 -13.42 13.01 -32.97
C PRO A 438 -12.89 12.49 -31.64
N GLU A 439 -11.61 12.15 -31.59
CA GLU A 439 -11.02 11.51 -30.42
C GLU A 439 -10.82 12.48 -29.27
N ARG A 440 -11.40 12.14 -28.12
CA ARG A 440 -11.29 12.96 -26.91
C ARG A 440 -11.19 12.08 -25.67
N VAL A 441 -10.76 12.68 -24.57
CA VAL A 441 -10.74 12.00 -23.29
C VAL A 441 -11.78 12.60 -22.35
N ILE A 442 -12.69 11.74 -21.86
CA ILE A 442 -13.68 12.14 -20.87
C ILE A 442 -13.41 11.46 -19.54
N LEU A 443 -13.90 12.05 -18.46
CA LEU A 443 -13.96 11.40 -17.17
C LEU A 443 -15.34 10.75 -17.03
N ALA A 444 -15.39 9.43 -17.15
CA ALA A 444 -16.65 8.70 -17.04
C ALA A 444 -16.97 8.35 -15.59
N GLY A 445 -18.27 8.32 -15.28
CA GLY A 445 -18.74 7.95 -13.96
C GLY A 445 -19.40 9.09 -13.20
N PRO A 446 -19.32 9.07 -11.85
CA PRO A 446 -18.56 8.09 -11.05
C PRO A 446 -19.03 6.65 -11.24
N ILE A 447 -18.07 5.72 -11.22
CA ILE A 447 -18.38 4.30 -11.35
C ILE A 447 -17.76 3.52 -10.18
N PRO A 448 -18.14 2.24 -10.00
CA PRO A 448 -17.55 1.46 -8.91
C PRO A 448 -16.06 1.24 -9.08
N VAL A 449 -15.34 1.29 -7.96
CA VAL A 449 -13.90 1.02 -7.92
C VAL A 449 -13.59 -0.46 -8.10
N THR A 450 -12.35 -0.78 -8.49
CA THR A 450 -11.90 -2.17 -8.53
C THR A 450 -11.91 -2.77 -7.11
N PRO A 451 -11.97 -4.10 -7.02
CA PRO A 451 -11.78 -4.72 -5.71
C PRO A 451 -10.46 -4.33 -5.04
N ALA A 452 -9.39 -4.20 -5.84
CA ALA A 452 -8.08 -3.80 -5.33
C ALA A 452 -8.14 -2.44 -4.65
N SER A 453 -8.82 -1.49 -5.30
CA SER A 453 -9.01 -0.16 -4.72
C SER A 453 -9.76 -0.21 -3.40
N ALA A 454 -10.90 -0.91 -3.38
CA ALA A 454 -11.71 -1.03 -2.17
C ALA A 454 -10.89 -1.54 -0.99
N ALA A 455 -10.06 -2.55 -1.25
CA ALA A 455 -9.18 -3.14 -0.25
C ALA A 455 -8.13 -2.15 0.27
N GLN A 456 -7.55 -1.35 -0.62
CA GLN A 456 -6.53 -0.38 -0.25
C GLN A 456 -7.13 0.78 0.51
N ARG A 457 -8.38 1.12 0.18
CA ARG A 457 -9.11 2.18 0.87
C ARG A 457 -9.45 1.74 2.28
N ARG A 458 -10.13 0.60 2.39
CA ARG A 458 -10.34 -0.09 3.66
C ARG A 458 -9.05 -0.23 4.44
N GLY A 459 -7.97 -0.54 3.73
CA GLY A 459 -6.67 -0.82 4.33
C GLY A 459 -5.98 0.32 5.04
N ARG A 460 -6.51 1.54 4.92
CA ARG A 460 -6.02 2.71 5.68
C ARG A 460 -6.12 2.49 7.18
N ILE A 461 -7.15 1.75 7.60
CA ILE A 461 -7.41 1.53 9.02
C ILE A 461 -7.27 0.06 9.40
N GLY A 462 -7.36 -0.21 10.69
CA GLY A 462 -7.12 -1.56 11.21
C GLY A 462 -5.63 -1.91 11.23
N ARG A 463 -4.78 -0.90 11.03
CA ARG A 463 -3.34 -1.12 10.92
C ARG A 463 -2.61 -1.06 12.26
N ASN A 464 -3.32 -0.57 13.27
CA ASN A 464 -2.76 -0.33 14.59
C ASN A 464 -3.25 -1.39 15.58
N PRO A 465 -2.34 -2.29 16.02
CA PRO A 465 -2.65 -3.39 16.95
C PRO A 465 -3.26 -2.94 18.28
N ALA A 466 -2.90 -1.73 18.71
CA ALA A 466 -3.42 -1.16 19.95
C ALA A 466 -4.83 -0.59 19.81
N GLN A 467 -5.34 -0.51 18.58
CA GLN A 467 -6.65 0.07 18.31
C GLN A 467 -7.56 -0.90 17.55
N GLU A 468 -8.52 -1.49 18.27
CA GLU A 468 -9.25 -2.66 17.77
C GLU A 468 -10.66 -2.43 17.22
N ASP A 469 -11.16 -1.19 17.32
CA ASP A 469 -12.51 -0.91 16.79
C ASP A 469 -12.57 0.09 15.65
N ASP A 470 -11.58 0.02 14.76
CA ASP A 470 -11.63 0.78 13.51
C ASP A 470 -12.82 0.33 12.66
N GLN A 471 -13.33 1.25 11.85
CA GLN A 471 -14.52 0.97 11.04
C GLN A 471 -14.22 1.18 9.56
N TYR A 472 -14.81 0.30 8.75
CA TYR A 472 -14.87 0.55 7.32
C TYR A 472 -16.33 0.65 6.90
N VAL A 473 -16.78 1.87 6.68
CA VAL A 473 -18.15 2.13 6.27
C VAL A 473 -18.15 2.30 4.75
N PHE A 474 -18.93 1.46 4.08
CA PHE A 474 -18.88 1.39 2.62
C PHE A 474 -20.26 1.22 2.01
N SER A 475 -20.34 1.47 0.70
CA SER A 475 -21.57 1.29 -0.05
C SER A 475 -21.26 0.74 -1.44
N GLY A 476 -22.08 -0.23 -1.87
CA GLY A 476 -21.98 -0.80 -3.21
C GLY A 476 -20.94 -1.90 -3.39
N ASP A 477 -21.08 -2.62 -4.50
CA ASP A 477 -20.12 -3.65 -4.89
C ASP A 477 -19.01 -3.05 -5.74
N PRO A 478 -17.78 -3.59 -5.62
CA PRO A 478 -16.73 -3.16 -6.53
C PRO A 478 -16.91 -3.80 -7.91
N LEU A 479 -16.16 -3.32 -8.90
CA LEU A 479 -16.28 -3.75 -10.29
C LEU A 479 -14.92 -4.10 -10.87
N LYS A 480 -14.75 -5.35 -11.32
CA LYS A 480 -13.46 -5.81 -11.86
C LYS A 480 -13.11 -5.07 -13.14
N ASN A 481 -13.97 -5.25 -14.15
CA ASN A 481 -13.71 -4.84 -15.52
C ASN A 481 -13.43 -3.35 -15.69
N ASP A 482 -12.20 -3.03 -16.05
CA ASP A 482 -11.80 -1.66 -16.37
C ASP A 482 -10.95 -1.62 -17.65
N GLU A 483 -11.33 -2.44 -18.63
CA GLU A 483 -10.60 -2.56 -19.89
C GLU A 483 -10.59 -1.27 -20.71
N ASP A 484 -11.64 -0.47 -20.54
CA ASP A 484 -11.79 0.80 -21.27
C ASP A 484 -11.06 1.99 -20.62
N HIS A 485 -10.27 1.70 -19.59
CA HIS A 485 -9.55 2.73 -18.85
C HIS A 485 -8.40 3.29 -19.68
N ALA A 486 -8.37 4.61 -19.81
CA ALA A 486 -7.37 5.30 -20.61
C ALA A 486 -5.92 5.05 -20.15
N HIS A 487 -5.73 4.73 -18.88
CA HIS A 487 -4.39 4.55 -18.31
C HIS A 487 -3.56 3.42 -18.91
N TRP A 488 -4.22 2.36 -19.37
CA TRP A 488 -3.53 1.25 -20.00
C TRP A 488 -2.98 1.60 -21.38
N THR A 489 -3.79 2.27 -22.21
CA THR A 489 -3.28 2.65 -23.53
C THR A 489 -2.28 3.79 -23.40
N GLU A 490 -2.51 4.70 -22.45
CA GLU A 490 -1.51 5.72 -22.13
C GLU A 490 -0.20 5.08 -21.66
N ALA A 491 -0.30 4.03 -20.85
CA ALA A 491 0.88 3.28 -20.45
C ALA A 491 1.66 2.77 -21.67
N LYS A 492 0.94 2.35 -22.72
CA LYS A 492 1.59 1.85 -23.94
C LYS A 492 2.18 2.99 -24.76
N MET A 493 1.61 4.19 -24.66
CA MET A 493 2.21 5.36 -25.28
C MET A 493 3.58 5.67 -24.68
N LEU A 494 3.69 5.51 -23.36
CA LEU A 494 4.96 5.70 -22.67
C LEU A 494 5.95 4.60 -23.08
N LEU A 495 5.50 3.36 -22.94
CA LEU A 495 6.26 2.16 -23.26
C LEU A 495 6.81 2.13 -24.69
N ASP A 496 5.94 2.41 -25.65
CA ASP A 496 6.32 2.41 -27.06
C ASP A 496 7.41 3.43 -27.37
N ASN A 497 7.64 4.37 -26.45
CA ASN A 497 8.61 5.44 -26.68
C ASN A 497 9.86 5.36 -25.79
N ILE A 498 9.99 4.25 -25.06
CA ILE A 498 11.25 3.93 -24.40
C ILE A 498 12.02 2.97 -25.31
N TYR A 499 13.23 3.38 -25.67
CA TYR A 499 14.10 2.55 -26.51
C TYR A 499 15.11 1.84 -25.63
N THR A 500 15.40 0.58 -25.96
CA THR A 500 16.44 -0.18 -25.29
C THR A 500 17.58 -0.46 -26.28
N PRO A 501 18.83 -0.57 -25.77
CA PRO A 501 19.94 -0.89 -26.68
C PRO A 501 19.76 -2.24 -27.36
N GLU A 502 19.03 -3.14 -26.71
CA GLU A 502 18.80 -4.49 -27.23
C GLU A 502 17.81 -4.51 -28.40
N GLY A 503 17.15 -3.38 -28.64
CA GLY A 503 16.16 -3.25 -29.70
C GLY A 503 14.78 -3.76 -29.33
N ILE A 504 14.62 -4.18 -28.08
CA ILE A 504 13.35 -4.73 -27.60
C ILE A 504 12.39 -3.62 -27.19
N ILE A 505 11.18 -3.65 -27.74
CA ILE A 505 10.11 -2.75 -27.28
C ILE A 505 9.59 -3.24 -25.93
N PRO A 506 9.74 -2.41 -24.88
CA PRO A 506 9.18 -2.76 -23.59
C PRO A 506 7.66 -2.93 -23.68
N THR A 507 7.13 -3.89 -22.93
CA THR A 507 5.68 -4.12 -22.96
C THR A 507 5.13 -4.19 -21.55
N LEU A 508 3.82 -4.11 -21.44
CA LEU A 508 3.09 -4.20 -20.17
C LEU A 508 3.49 -5.42 -19.36
N PHE A 509 3.56 -5.23 -18.04
CA PHE A 509 3.73 -6.34 -17.09
C PHE A 509 2.64 -7.40 -17.36
N GLY A 510 3.04 -8.67 -17.31
CA GLY A 510 2.22 -9.82 -17.71
C GLY A 510 0.72 -9.77 -17.41
N PRO A 511 0.36 -9.73 -16.12
CA PRO A 511 -1.04 -9.66 -15.67
C PRO A 511 -1.81 -8.42 -16.15
N GLU A 512 -1.11 -7.43 -16.69
CA GLU A 512 -1.73 -6.17 -17.10
C GLU A 512 -1.94 -6.06 -18.60
N ARG A 513 -1.47 -7.05 -19.36
CA ARG A 513 -1.49 -6.97 -20.83
C ARG A 513 -2.89 -7.04 -21.45
N GLU A 514 -3.80 -7.75 -20.78
CA GLU A 514 -5.18 -7.90 -21.27
C GLU A 514 -5.98 -6.60 -21.20
N LYS A 515 -5.47 -5.60 -20.49
CA LYS A 515 -6.23 -4.40 -20.18
C LYS A 515 -6.25 -3.34 -21.28
N THR A 516 -5.53 -3.63 -22.36
CA THR A 516 -5.61 -2.83 -23.59
C THR A 516 -5.58 -3.73 -24.83
N GLN A 517 -6.19 -3.26 -25.92
CA GLN A 517 -6.12 -3.96 -27.20
C GLN A 517 -5.03 -3.36 -28.09
N ALA A 518 -4.37 -2.31 -27.59
CA ALA A 518 -3.31 -1.61 -28.32
C ALA A 518 -2.16 -2.54 -28.74
N ILE A 519 -1.70 -2.35 -29.97
CA ILE A 519 -0.63 -3.15 -30.56
C ILE A 519 0.73 -2.62 -30.11
N ASP A 520 1.62 -3.52 -29.71
CA ASP A 520 3.00 -3.16 -29.37
C ASP A 520 3.62 -2.29 -30.47
N GLY A 521 4.11 -1.12 -30.06
CA GLY A 521 4.87 -0.25 -30.95
C GLY A 521 4.06 0.70 -31.81
N GLU A 522 2.74 0.56 -31.78
CA GLU A 522 1.88 1.42 -32.59
C GLU A 522 1.92 2.88 -32.17
N PHE A 523 2.41 3.15 -30.96
CA PHE A 523 2.50 4.52 -30.45
C PHE A 523 3.91 5.11 -30.51
N ARG A 524 4.83 4.37 -31.13
CA ARG A 524 6.22 4.78 -31.23
C ARG A 524 6.38 6.03 -32.08
N LEU A 525 7.01 7.03 -31.47
CA LEU A 525 7.37 8.25 -32.16
C LEU A 525 8.88 8.27 -32.35
N ARG A 526 9.34 9.08 -33.29
CA ARG A 526 10.78 9.26 -33.51
C ARG A 526 11.13 10.73 -33.76
N GLY A 527 12.42 11.03 -33.73
CA GLY A 527 12.93 12.37 -34.01
C GLY A 527 12.30 13.45 -33.16
N GLU A 528 11.75 14.46 -33.84
CA GLU A 528 11.23 15.65 -33.19
C GLU A 528 9.87 15.45 -32.52
N GLN A 529 9.05 14.59 -33.10
CA GLN A 529 7.73 14.29 -32.54
C GLN A 529 7.86 13.57 -31.20
N ARG A 530 8.80 12.63 -31.15
CA ARG A 530 9.14 11.91 -29.91
C ARG A 530 9.64 12.88 -28.85
N LYS A 531 10.60 13.73 -29.20
CA LYS A 531 11.17 14.73 -28.29
C LYS A 531 10.12 15.71 -27.75
N THR A 532 9.15 16.08 -28.60
CA THR A 532 8.08 17.00 -28.21
C THR A 532 7.07 16.30 -27.31
N PHE A 533 6.81 15.03 -27.59
CA PHE A 533 5.94 14.20 -26.76
C PHE A 533 6.46 14.20 -25.33
N VAL A 534 7.74 13.89 -25.16
CA VAL A 534 8.34 13.85 -23.83
C VAL A 534 8.25 15.21 -23.17
N GLU A 535 8.55 16.27 -23.92
CA GLU A 535 8.63 17.62 -23.36
C GLU A 535 7.26 18.14 -22.92
N LEU A 536 6.22 17.87 -23.70
CA LEU A 536 4.85 18.23 -23.35
C LEU A 536 4.39 17.62 -22.02
N MET A 537 4.89 16.43 -21.71
CA MET A 537 4.59 15.78 -20.44
C MET A 537 5.48 16.32 -19.32
N ARG A 538 6.78 16.37 -19.58
CA ARG A 538 7.79 16.70 -18.57
C ARG A 538 7.74 18.17 -18.12
N ARG A 539 7.74 19.09 -19.08
CA ARG A 539 7.70 20.53 -18.79
C ARG A 539 6.30 21.12 -18.97
N GLY A 540 5.55 20.60 -19.94
CA GLY A 540 4.19 21.07 -20.19
C GLY A 540 3.17 20.59 -19.17
N ASP A 541 3.51 19.48 -18.49
CA ASP A 541 2.67 18.86 -17.45
C ASP A 541 1.31 18.37 -17.99
N LEU A 542 1.28 18.09 -19.29
CA LEU A 542 0.05 17.61 -19.94
C LEU A 542 -0.12 16.10 -19.77
N PRO A 543 -1.37 15.62 -19.85
CA PRO A 543 -1.62 14.17 -19.80
C PRO A 543 -0.96 13.49 -20.98
N VAL A 544 -0.74 12.18 -20.87
CA VAL A 544 -0.06 11.41 -21.90
C VAL A 544 -0.82 11.44 -23.24
N TRP A 545 -2.11 11.13 -23.23
CA TRP A 545 -2.93 11.10 -24.44
C TRP A 545 -2.86 12.43 -25.20
N LEU A 546 -3.02 13.53 -24.48
CA LEU A 546 -2.99 14.86 -25.08
C LEU A 546 -1.61 15.19 -25.64
N SER A 547 -0.58 15.02 -24.81
CA SER A 547 0.81 15.16 -25.24
C SER A 547 1.10 14.35 -26.51
N TYR A 548 0.57 13.13 -26.58
CA TYR A 548 0.75 12.27 -27.76
C TYR A 548 0.00 12.82 -28.97
N LYS A 549 -1.20 13.33 -28.74
CA LYS A 549 -2.03 13.89 -29.81
C LYS A 549 -1.37 15.10 -30.46
N VAL A 550 -0.82 15.98 -29.62
CA VAL A 550 -0.20 17.21 -30.10
C VAL A 550 1.11 16.89 -30.82
N ALA A 551 1.99 16.13 -30.16
CA ALA A 551 3.28 15.78 -30.75
C ALA A 551 3.18 15.00 -32.06
N SER A 552 2.27 14.04 -32.14
CA SER A 552 2.15 13.22 -33.36
C SER A 552 1.42 13.95 -34.49
N ALA A 553 0.80 15.08 -34.16
CA ALA A 553 0.23 15.97 -35.17
C ALA A 553 1.32 16.80 -35.84
N GLY A 554 2.52 16.77 -35.26
CA GLY A 554 3.69 17.45 -35.84
C GLY A 554 3.91 18.82 -35.24
N ILE A 555 3.18 19.12 -34.16
CA ILE A 555 3.24 20.42 -33.49
C ILE A 555 4.49 20.50 -32.60
N SER A 556 5.22 21.62 -32.70
CA SER A 556 6.35 21.91 -31.82
C SER A 556 5.86 22.27 -30.42
N TYR A 557 6.76 22.17 -29.44
CA TYR A 557 6.41 22.43 -28.05
C TYR A 557 5.86 23.84 -27.77
N LYS A 558 6.48 24.85 -28.39
CA LYS A 558 6.18 26.25 -28.12
C LYS A 558 5.02 26.82 -28.94
N ASP A 559 4.53 26.00 -29.87
CA ASP A 559 3.39 26.35 -30.71
C ASP A 559 2.11 26.03 -29.93
N ARG A 560 1.30 27.05 -29.69
CA ARG A 560 0.10 26.91 -28.86
C ARG A 560 -1.20 27.13 -29.64
N GLU A 561 -1.09 27.35 -30.95
CA GLU A 561 -2.26 27.60 -31.80
C GLU A 561 -3.39 26.59 -31.58
N TRP A 562 -3.01 25.34 -31.31
CA TRP A 562 -3.96 24.24 -31.13
C TRP A 562 -4.86 24.41 -29.90
N CYS A 563 -4.44 25.22 -28.94
CA CYS A 563 -5.26 25.52 -27.76
C CYS A 563 -6.47 26.41 -28.05
N PHE A 564 -6.56 26.90 -29.29
CA PHE A 564 -7.58 27.87 -29.68
C PHE A 564 -8.30 27.48 -30.97
N THR A 565 -7.81 26.42 -31.61
CA THR A 565 -8.28 25.96 -32.93
C THR A 565 -9.51 25.04 -32.88
N GLY A 566 -9.88 24.57 -31.68
CA GLY A 566 -10.96 23.60 -31.50
C GLY A 566 -12.33 24.07 -31.94
N GLU A 567 -13.27 23.12 -32.05
CA GLU A 567 -14.65 23.45 -32.46
C GLU A 567 -15.45 24.03 -31.31
N ARG A 568 -16.64 24.52 -31.63
CA ARG A 568 -17.58 25.12 -30.68
C ARG A 568 -17.66 24.38 -29.34
N ASN A 569 -17.83 23.05 -29.40
CA ASN A 569 -18.04 22.23 -28.21
C ASN A 569 -16.78 22.04 -27.34
N ASN A 570 -15.63 22.42 -27.89
CA ASN A 570 -14.37 22.30 -27.17
C ASN A 570 -14.05 23.47 -26.26
N GLN A 571 -14.94 24.46 -26.24
CA GLN A 571 -14.83 25.59 -25.32
C GLN A 571 -14.68 25.13 -23.87
N ILE A 572 -13.56 25.50 -23.25
CA ILE A 572 -13.30 25.18 -21.84
C ILE A 572 -14.06 26.12 -20.93
N LEU A 573 -14.70 25.54 -19.91
CA LEU A 573 -15.39 26.30 -18.88
C LEU A 573 -14.63 26.27 -17.55
N GLU A 574 -14.64 27.38 -16.83
CA GLU A 574 -14.13 27.43 -15.47
C GLU A 574 -15.13 28.16 -14.58
N GLU A 575 -15.48 27.52 -13.46
CA GLU A 575 -16.45 28.06 -12.52
C GLU A 575 -17.59 28.79 -13.28
N ASN A 576 -18.14 28.09 -14.28
CA ASN A 576 -19.31 28.53 -15.05
C ASN A 576 -19.06 29.69 -16.03
N MET A 577 -17.77 29.95 -16.29
CA MET A 577 -17.36 30.99 -17.23
C MET A 577 -16.59 30.37 -18.39
N GLU A 578 -16.86 30.84 -19.61
CA GLU A 578 -16.05 30.47 -20.75
C GLU A 578 -14.67 31.08 -20.56
N VAL A 579 -13.68 30.20 -20.44
CA VAL A 579 -12.29 30.63 -20.25
C VAL A 579 -11.76 31.35 -21.47
N GLU A 580 -11.28 32.57 -21.24
CA GLU A 580 -10.54 33.33 -22.25
C GLU A 580 -9.10 33.52 -21.77
N ILE A 581 -8.18 33.43 -22.72
CA ILE A 581 -6.75 33.45 -22.45
C ILE A 581 -6.12 34.71 -23.07
N TRP A 582 -5.22 35.34 -22.32
CA TRP A 582 -4.34 36.36 -22.86
C TRP A 582 -3.06 35.71 -23.37
N THR A 583 -2.97 35.56 -24.69
CA THR A 583 -1.88 34.80 -25.34
C THR A 583 -0.48 35.41 -25.21
N ARG A 584 0.50 34.72 -25.79
CA ARG A 584 1.90 35.12 -25.80
C ARG A 584 2.10 36.49 -26.45
N GLU A 585 1.57 36.65 -27.66
CA GLU A 585 1.75 37.88 -28.44
C GLU A 585 0.67 38.95 -28.21
N GLY A 586 -0.11 38.80 -27.14
CA GLY A 586 -1.02 39.84 -26.68
C GLY A 586 -2.47 39.78 -27.16
N GLU A 587 -2.89 38.64 -27.68
CA GLU A 587 -4.27 38.45 -28.12
C GLU A 587 -5.14 37.84 -27.02
N LYS A 588 -6.39 38.28 -26.94
CA LYS A 588 -7.37 37.67 -26.06
C LYS A 588 -8.18 36.65 -26.83
N LYS A 589 -8.02 35.37 -26.48
CA LYS A 589 -8.61 34.25 -27.20
C LYS A 589 -9.38 33.31 -26.28
N LYS A 590 -10.47 32.73 -26.81
CA LYS A 590 -11.24 31.72 -26.10
C LYS A 590 -10.43 30.44 -25.99
N LEU A 591 -10.36 29.86 -24.79
CA LEU A 591 -9.69 28.58 -24.60
C LEU A 591 -10.57 27.49 -25.21
N ARG A 592 -10.09 26.96 -26.34
CA ARG A 592 -10.86 26.04 -27.16
C ARG A 592 -9.88 25.10 -27.88
N PRO A 593 -9.37 24.08 -27.16
CA PRO A 593 -8.32 23.21 -27.69
C PRO A 593 -8.80 22.32 -28.83
N LYS A 594 -7.89 22.01 -29.75
CA LYS A 594 -8.18 21.08 -30.83
C LYS A 594 -8.45 19.69 -30.26
N TRP A 595 -7.64 19.29 -29.29
CA TRP A 595 -7.86 18.03 -28.58
C TRP A 595 -8.30 18.27 -27.14
N LEU A 596 -9.37 17.60 -26.76
CA LEU A 596 -10.05 17.83 -25.50
C LEU A 596 -9.75 16.71 -24.51
N ASP A 597 -8.94 17.02 -23.51
CA ASP A 597 -8.63 16.09 -22.45
C ASP A 597 -9.27 16.60 -21.17
N ALA A 598 -10.28 15.87 -20.67
CA ALA A 598 -11.07 16.35 -19.54
C ALA A 598 -10.23 16.58 -18.29
N ARG A 599 -9.14 15.83 -18.17
CA ARG A 599 -8.24 15.94 -17.02
C ARG A 599 -7.56 17.30 -16.87
N VAL A 600 -7.36 18.03 -17.98
CA VAL A 600 -6.81 19.40 -17.87
C VAL A 600 -7.82 20.42 -17.32
N TYR A 601 -9.11 20.09 -17.36
CA TYR A 601 -10.12 21.04 -16.88
C TYR A 601 -11.06 20.54 -15.78
N ALA A 602 -10.93 19.28 -15.40
CA ALA A 602 -11.73 18.72 -14.30
C ALA A 602 -11.02 18.92 -12.97
N ASP A 603 -9.70 19.05 -13.04
CA ASP A 603 -8.86 19.28 -11.87
C ASP A 603 -8.50 20.77 -11.83
N PRO A 604 -8.95 21.49 -10.79
CA PRO A 604 -8.74 22.96 -10.70
C PRO A 604 -7.27 23.40 -10.76
N MET A 605 -6.36 22.55 -10.26
CA MET A 605 -4.94 22.83 -10.35
C MET A 605 -4.46 22.62 -11.79
N ALA A 606 -5.00 21.59 -12.45
CA ALA A 606 -4.66 21.30 -13.83
C ALA A 606 -5.14 22.38 -14.78
N LEU A 607 -6.31 22.94 -14.49
CA LEU A 607 -6.84 24.04 -15.28
C LEU A 607 -5.94 25.26 -15.18
N LYS A 608 -5.57 25.62 -13.95
CA LYS A 608 -4.68 26.74 -13.70
C LYS A 608 -3.35 26.54 -14.42
N ASP A 609 -2.82 25.32 -14.34
CA ASP A 609 -1.59 24.95 -15.04
C ASP A 609 -1.77 25.02 -16.56
N PHE A 610 -2.92 24.54 -17.04
CA PHE A 610 -3.16 24.48 -18.48
C PHE A 610 -3.35 25.87 -19.08
N LYS A 611 -3.98 26.77 -18.32
CA LYS A 611 -4.16 28.16 -18.73
C LYS A 611 -2.81 28.84 -18.92
N GLU A 612 -1.86 28.53 -18.03
CA GLU A 612 -0.48 29.01 -18.14
C GLU A 612 0.21 28.44 -19.37
N PHE A 613 -0.07 27.17 -19.68
CA PHE A 613 0.47 26.53 -20.87
C PHE A 613 -0.09 27.17 -22.13
N ALA A 614 -1.41 27.34 -22.18
CA ALA A 614 -2.07 27.99 -23.30
C ALA A 614 -1.59 29.43 -23.52
N SER A 615 -1.24 30.11 -22.42
CA SER A 615 -0.75 31.50 -22.47
C SER A 615 0.66 31.63 -23.05
N GLY A 616 1.43 30.55 -22.99
CA GLY A 616 2.78 30.54 -23.54
C GLY A 616 3.86 30.85 -22.53
N ARG A 617 3.48 30.89 -21.24
CA ARG A 617 4.41 31.16 -20.14
C ARG A 617 5.15 29.91 -19.71
N LYS A 618 4.64 28.75 -20.14
CA LYS A 618 5.06 27.45 -19.65
C LYS A 618 5.71 26.61 -20.76
N ALA B 1 12.32 -38.30 17.18
CA ALA B 1 11.89 -37.26 18.16
C ALA B 1 10.95 -36.22 17.53
N ASP B 2 10.07 -36.68 16.65
CA ASP B 2 9.09 -35.82 15.98
C ASP B 2 8.05 -35.26 16.94
N LEU B 3 7.46 -34.12 16.57
CA LEU B 3 6.57 -33.36 17.45
C LEU B 3 5.16 -33.23 16.88
N SER B 4 4.16 -33.54 17.71
CA SER B 4 2.75 -33.46 17.31
C SER B 4 1.91 -32.75 18.38
N LEU B 5 0.66 -32.41 18.02
CA LEU B 5 -0.23 -31.68 18.93
C LEU B 5 -1.55 -32.39 19.22
N GLU B 6 -2.06 -32.20 20.43
CA GLU B 6 -3.35 -32.74 20.86
C GLU B 6 -4.12 -31.70 21.69
N LYS B 7 -5.41 -31.56 21.42
CA LYS B 7 -6.28 -30.60 22.11
C LYS B 7 -6.45 -30.97 23.58
N ALA B 8 -6.47 -29.95 24.45
CA ALA B 8 -6.65 -30.15 25.89
C ALA B 8 -7.90 -29.44 26.39
N ALA B 9 -7.95 -28.12 26.21
CA ALA B 9 -9.07 -27.27 26.65
C ALA B 9 -9.03 -25.90 25.97
N ASN B 10 -10.10 -25.14 26.15
CA ASN B 10 -10.17 -23.78 25.63
C ASN B 10 -9.75 -22.73 26.66
N VAL B 11 -9.25 -21.59 26.17
CA VAL B 11 -8.81 -20.48 27.02
C VAL B 11 -10.00 -19.81 27.71
N GLN B 12 -10.19 -20.11 28.99
CA GLN B 12 -11.31 -19.58 29.77
C GLN B 12 -11.07 -19.60 31.29
N TRP B 13 -11.78 -18.72 32.00
CA TRP B 13 -11.76 -18.65 33.46
C TRP B 13 -12.69 -19.74 34.01
N ASP B 14 -12.32 -20.31 35.16
CA ASP B 14 -13.06 -21.41 35.81
C ASP B 14 -13.04 -22.69 34.97
#